data_3SSR
#
_entry.id   3SSR
#
_cell.length_a   74.050
_cell.length_b   74.050
_cell.length_c   66.400
_cell.angle_alpha   90.00
_cell.angle_beta   90.00
_cell.angle_gamma   120.00
#
_symmetry.space_group_name_H-M   'P 6'
#
loop_
_entity.id
_entity.type
_entity.pdbx_description
1 polymer 'Carbon dioxide concentrating mechanism protein'
2 non-polymer 'SULFATE ION'
3 water water
#
_entity_poly.entity_id   1
_entity_poly.type   'polypeptide(L)'
_entity_poly.pdbx_seq_one_letter_code
;MPIAVGMIETRGFPAVVEAADAMVKAARVTLVGYEKIGSGRVTVIVRGDVSEVQASVAAGVDSAKRVNGGEVLSTHIIAR
PHENLEYVLPIRYTEAVEQFRNLEHHHHHH
;
_entity_poly.pdbx_strand_id   B,A
#
loop_
_chem_comp.id
_chem_comp.type
_chem_comp.name
_chem_comp.formula
SO4 non-polymer 'SULFATE ION' 'O4 S -2'
#
# COMPACT_ATOMS: atom_id res chain seq x y z
N PRO A 2 26.20 -7.19 6.65
CA PRO A 2 25.41 -7.55 5.48
C PRO A 2 23.93 -7.64 5.79
N ILE A 3 23.07 -7.74 4.78
CA ILE A 3 21.62 -7.77 5.00
C ILE A 3 21.07 -9.17 5.30
N ALA A 4 20.91 -9.46 6.59
CA ALA A 4 20.51 -10.78 7.02
C ALA A 4 19.00 -10.95 6.93
N VAL A 5 18.56 -12.19 7.04
CA VAL A 5 17.15 -12.48 7.17
CA VAL A 5 17.14 -12.50 7.16
C VAL A 5 16.91 -13.15 8.51
N GLY A 6 15.85 -12.77 9.20
CA GLY A 6 15.55 -13.33 10.51
C GLY A 6 14.17 -13.94 10.49
N MET A 7 14.02 -15.09 11.12
CA MET A 7 12.75 -15.81 11.08
C MET A 7 12.37 -16.31 12.46
N ILE A 8 11.12 -16.05 12.87
CA ILE A 8 10.58 -16.69 14.05
C ILE A 8 9.33 -17.46 13.65
N GLU A 9 9.33 -18.75 13.97
CA GLU A 9 8.18 -19.59 13.69
C GLU A 9 7.49 -19.90 15.01
N THR A 10 6.17 -19.72 15.02
CA THR A 10 5.39 -19.98 16.21
C THR A 10 4.32 -21.02 15.96
N ARG A 11 3.74 -21.54 17.04
CA ARG A 11 2.51 -22.30 16.95
C ARG A 11 1.41 -21.37 17.39
N GLY A 12 0.60 -20.92 16.45
CA GLY A 12 -0.47 -19.99 16.76
C GLY A 12 -0.21 -18.64 16.12
N PHE A 13 -1.27 -17.99 15.67
CA PHE A 13 -1.16 -16.71 14.98
C PHE A 13 -0.87 -15.52 15.91
N PRO A 14 -1.61 -15.41 17.02
CA PRO A 14 -1.39 -14.28 17.95
C PRO A 14 0.07 -14.15 18.33
N ALA A 15 0.70 -15.27 18.68
CA ALA A 15 2.10 -15.26 19.09
C ALA A 15 3.02 -14.81 17.96
N VAL A 16 2.68 -15.18 16.72
CA VAL A 16 3.50 -14.78 15.59
C VAL A 16 3.35 -13.28 15.29
N VAL A 17 2.17 -12.73 15.54
CA VAL A 17 1.95 -11.29 15.36
C VAL A 17 2.72 -10.50 16.41
N GLU A 18 2.79 -11.04 17.62
CA GLU A 18 3.60 -10.42 18.68
C GLU A 18 5.09 -10.48 18.36
N ALA A 19 5.55 -11.63 17.87
CA ALA A 19 6.95 -11.78 17.44
C ALA A 19 7.31 -10.68 16.44
N ALA A 20 6.49 -10.54 15.41
CA ALA A 20 6.71 -9.54 14.38
C ALA A 20 6.76 -8.14 14.97
N ASP A 21 5.80 -7.81 15.83
CA ASP A 21 5.75 -6.48 16.41
C ASP A 21 6.98 -6.20 17.28
N ALA A 22 7.40 -7.20 18.05
CA ALA A 22 8.56 -7.04 18.91
C ALA A 22 9.84 -6.92 18.10
N MET A 23 9.91 -7.61 16.95
CA MET A 23 11.11 -7.61 16.12
CA MET A 23 11.11 -7.60 16.12
C MET A 23 11.37 -6.25 15.45
N VAL A 24 10.37 -5.70 14.79
CA VAL A 24 10.55 -4.42 14.11
C VAL A 24 10.69 -3.26 15.09
N LYS A 25 10.19 -3.44 16.30
CA LYS A 25 10.31 -2.43 17.35
C LYS A 25 11.66 -2.46 18.07
N ALA A 26 12.31 -3.62 18.12
CA ALA A 26 13.51 -3.77 18.93
C ALA A 26 14.75 -3.32 18.20
N ALA A 27 14.65 -3.20 16.88
CA ALA A 27 15.82 -2.92 16.06
C ALA A 27 15.45 -2.43 14.66
N ARG A 28 16.46 -2.07 13.89
CA ARG A 28 16.24 -1.53 12.56
C ARG A 28 16.03 -2.64 11.54
N VAL A 29 14.85 -3.27 11.59
CA VAL A 29 14.52 -4.34 10.65
C VAL A 29 13.16 -4.11 10.00
N THR A 30 12.95 -4.73 8.84
CA THR A 30 11.69 -4.64 8.14
C THR A 30 11.03 -6.00 8.08
N LEU A 31 9.80 -6.08 8.57
CA LEU A 31 9.01 -7.27 8.35
C LEU A 31 8.67 -7.30 6.88
N VAL A 32 9.06 -8.37 6.19
CA VAL A 32 8.82 -8.48 4.75
C VAL A 32 7.87 -9.61 4.38
N GLY A 33 7.72 -10.58 5.29
CA GLY A 33 6.90 -11.74 5.00
C GLY A 33 6.28 -12.42 6.21
N TYR A 34 5.34 -13.31 5.91
CA TYR A 34 4.65 -14.12 6.89
C TYR A 34 4.26 -15.41 6.18
N GLU A 35 4.66 -16.54 6.75
CA GLU A 35 4.56 -17.81 6.04
C GLU A 35 3.76 -18.82 6.83
N LYS A 36 2.71 -19.36 6.20
CA LYS A 36 1.92 -20.43 6.79
C LYS A 36 2.31 -21.75 6.12
N ILE A 37 2.51 -22.79 6.92
CA ILE A 37 2.90 -24.09 6.37
C ILE A 37 2.11 -25.26 6.96
N GLY A 38 1.16 -24.98 7.83
CA GLY A 38 0.31 -26.04 8.40
C GLY A 38 0.68 -26.43 9.82
N SER A 39 -0.09 -27.36 10.40
CA SER A 39 0.12 -27.79 11.77
C SER A 39 0.20 -26.62 12.74
N GLY A 40 -0.45 -25.51 12.38
CA GLY A 40 -0.44 -24.33 13.23
C GLY A 40 0.89 -23.61 13.29
N ARG A 41 1.78 -23.93 12.35
CA ARG A 41 3.09 -23.33 12.30
C ARG A 41 3.10 -22.15 11.33
N VAL A 42 3.53 -20.99 11.82
CA VAL A 42 3.61 -19.78 11.00
C VAL A 42 4.91 -19.06 11.28
N THR A 43 5.47 -18.46 10.24
CA THR A 43 6.75 -17.78 10.37
C THR A 43 6.65 -16.30 10.00
N VAL A 44 7.28 -15.45 10.81
CA VAL A 44 7.48 -14.06 10.41
C VAL A 44 8.94 -13.87 9.97
N ILE A 45 9.13 -13.21 8.83
CA ILE A 45 10.46 -13.00 8.28
C ILE A 45 10.79 -11.50 8.26
N VAL A 46 11.98 -11.16 8.74
CA VAL A 46 12.45 -9.79 8.75
C VAL A 46 13.78 -9.67 8.02
N ARG A 47 14.04 -8.48 7.48
CA ARG A 47 15.29 -8.21 6.79
C ARG A 47 15.98 -7.05 7.46
N GLY A 48 17.30 -7.07 7.47
CA GLY A 48 18.06 -5.98 8.04
C GLY A 48 19.51 -6.37 8.19
N ASP A 49 20.31 -5.46 8.73
CA ASP A 49 21.69 -5.76 9.00
C ASP A 49 21.72 -6.95 9.93
N VAL A 50 22.84 -7.65 9.92
CA VAL A 50 22.98 -8.86 10.71
C VAL A 50 22.79 -8.56 12.19
N SER A 51 23.46 -7.53 12.68
CA SER A 51 23.38 -7.16 14.09
C SER A 51 22.00 -6.67 14.50
N GLU A 52 21.32 -5.99 13.57
CA GLU A 52 19.96 -5.52 13.80
C GLU A 52 19.00 -6.70 13.86
N VAL A 53 19.16 -7.65 12.93
CA VAL A 53 18.30 -8.82 12.89
C VAL A 53 18.48 -9.69 14.12
N GLN A 54 19.71 -9.82 14.60
CA GLN A 54 19.96 -10.56 15.85
C GLN A 54 19.27 -9.93 17.06
N ALA A 55 19.35 -8.60 17.17
CA ALA A 55 18.69 -7.87 18.24
C ALA A 55 17.19 -8.11 18.20
N SER A 56 16.62 -8.05 17.00
CA SER A 56 15.18 -8.16 16.83
C SER A 56 14.65 -9.58 17.04
N VAL A 57 15.37 -10.58 16.52
CA VAL A 57 14.96 -11.98 16.71
C VAL A 57 14.95 -12.29 18.20
N ALA A 58 15.97 -11.84 18.93
CA ALA A 58 16.03 -12.03 20.38
C ALA A 58 14.84 -11.39 21.10
N ALA A 59 14.54 -10.14 20.76
CA ALA A 59 13.37 -9.47 21.29
C ALA A 59 12.11 -10.24 20.91
N GLY A 60 12.00 -10.59 19.64
CA GLY A 60 10.86 -11.31 19.14
C GLY A 60 10.57 -12.58 19.92
N VAL A 61 11.61 -13.36 20.21
CA VAL A 61 11.44 -14.62 20.93
C VAL A 61 11.00 -14.43 22.39
N ASP A 62 11.65 -13.50 23.08
CA ASP A 62 11.27 -13.22 24.47
C ASP A 62 9.81 -12.78 24.57
N SER A 63 9.39 -11.92 23.65
CA SER A 63 8.02 -11.41 23.67
C SER A 63 7.00 -12.47 23.30
N ALA A 64 7.29 -13.24 22.26
CA ALA A 64 6.39 -14.29 21.81
C ALA A 64 6.11 -15.33 22.89
N LYS A 65 7.12 -15.62 23.69
CA LYS A 65 6.98 -16.65 24.73
C LYS A 65 6.11 -16.14 25.87
N ARG A 66 5.93 -14.84 25.95
CA ARG A 66 5.09 -14.25 26.98
CA ARG A 66 5.09 -14.23 26.97
C ARG A 66 3.62 -14.17 26.57
N VAL A 67 3.35 -14.40 25.28
CA VAL A 67 1.97 -14.41 24.80
C VAL A 67 1.22 -15.55 25.46
N ASN A 68 -0.01 -15.26 25.86
CA ASN A 68 -0.87 -16.28 26.41
C ASN A 68 -1.08 -17.40 25.41
N GLY A 69 -0.63 -18.60 25.76
CA GLY A 69 -0.76 -19.73 24.87
C GLY A 69 0.22 -19.57 23.75
N GLY A 70 1.22 -18.74 23.96
CA GLY A 70 2.29 -18.57 23.01
C GLY A 70 3.25 -19.76 22.99
N GLU A 71 3.95 -19.94 21.88
CA GLU A 71 4.82 -21.08 21.72
C GLU A 71 5.73 -20.87 20.51
N VAL A 72 7.03 -20.80 20.73
CA VAL A 72 7.98 -20.65 19.63
C VAL A 72 8.52 -22.02 19.23
N LEU A 73 8.41 -22.35 17.95
CA LEU A 73 8.84 -23.64 17.46
C LEU A 73 10.29 -23.65 17.00
N SER A 74 10.64 -22.71 16.13
CA SER A 74 12.02 -22.64 15.63
C SER A 74 12.36 -21.22 15.24
N THR A 75 13.64 -20.90 15.24
CA THR A 75 14.12 -19.61 14.77
C THR A 75 15.42 -19.77 13.97
N HIS A 76 15.71 -18.81 13.11
CA HIS A 76 16.99 -18.81 12.44
C HIS A 76 17.34 -17.48 11.79
N ILE A 77 18.62 -17.15 11.83
CA ILE A 77 19.15 -15.95 11.18
C ILE A 77 20.16 -16.37 10.12
N ILE A 78 19.96 -15.90 8.90
CA ILE A 78 20.90 -16.11 7.81
C ILE A 78 21.56 -14.77 7.50
N ALA A 79 22.88 -14.71 7.65
CA ALA A 79 23.59 -13.42 7.54
C ALA A 79 23.60 -12.89 6.11
N ARG A 80 24.07 -13.71 5.18
CA ARG A 80 24.12 -13.31 3.78
C ARG A 80 23.31 -14.28 2.94
N PRO A 81 21.99 -14.10 2.90
CA PRO A 81 21.15 -15.01 2.13
C PRO A 81 21.49 -14.93 0.64
N HIS A 82 21.73 -16.07 0.02
CA HIS A 82 22.03 -16.14 -1.40
C HIS A 82 20.87 -15.52 -2.19
N GLU A 83 21.21 -14.82 -3.27
CA GLU A 83 20.22 -14.13 -4.10
C GLU A 83 19.18 -15.09 -4.69
N ASN A 84 19.59 -16.32 -4.96
CA ASN A 84 18.69 -17.35 -5.48
C ASN A 84 17.43 -17.49 -4.62
N LEU A 85 17.59 -17.41 -3.31
CA LEU A 85 16.50 -17.60 -2.36
C LEU A 85 15.40 -16.55 -2.54
N GLU A 86 15.81 -15.31 -2.79
CA GLU A 86 14.87 -14.20 -2.96
C GLU A 86 13.80 -14.58 -3.94
N TYR A 87 14.20 -15.33 -4.96
CA TYR A 87 13.36 -15.63 -6.11
C TYR A 87 12.48 -16.85 -5.91
N VAL A 88 12.66 -17.56 -4.80
CA VAL A 88 11.86 -18.76 -4.57
C VAL A 88 11.02 -18.66 -3.30
N LEU A 89 11.52 -17.90 -2.32
CA LEU A 89 10.90 -17.85 -0.99
C LEU A 89 10.42 -16.46 -0.62
N PRO A 90 9.48 -16.39 0.34
CA PRO A 90 8.93 -15.11 0.81
C PRO A 90 9.86 -14.43 1.80
N ILE A 91 11.13 -14.30 1.44
CA ILE A 91 12.07 -13.55 2.26
C ILE A 91 12.38 -12.19 1.62
N ARG A 92 11.95 -12.04 0.37
CA ARG A 92 12.21 -10.82 -0.39
C ARG A 92 11.27 -9.70 0.02
N TYR A 93 11.74 -8.47 -0.09
CA TYR A 93 10.89 -7.32 0.08
C TYR A 93 9.78 -7.38 -0.97
N THR A 94 8.61 -6.86 -0.63
CA THR A 94 7.55 -6.71 -1.61
C THR A 94 7.34 -5.23 -1.85
N GLU A 95 6.90 -4.85 -3.05
CA GLU A 95 6.62 -3.44 -3.33
C GLU A 95 5.66 -2.93 -2.26
N ALA A 96 4.78 -3.80 -1.79
CA ALA A 96 3.91 -3.49 -0.67
C ALA A 96 4.69 -2.90 0.49
N VAL A 97 5.63 -3.67 1.06
CA VAL A 97 6.45 -3.20 2.19
C VAL A 97 7.52 -2.18 1.76
N GLU A 98 7.72 -2.05 0.46
CA GLU A 98 8.64 -1.05 -0.07
C GLU A 98 8.04 0.35 0.08
N GLN A 99 6.83 0.53 -0.45
CA GLN A 99 6.15 1.83 -0.40
C GLN A 99 6.20 2.43 1.00
N PHE A 100 6.11 1.55 2.00
CA PHE A 100 6.23 1.93 3.40
C PHE A 100 7.69 2.09 3.80
N ILE B 3 -19.28 13.69 0.85
CA ILE B 3 -18.01 14.04 0.23
C ILE B 3 -18.11 13.95 -1.29
N ALA B 4 -17.76 15.04 -1.95
CA ALA B 4 -17.93 15.16 -3.40
C ALA B 4 -17.01 14.23 -4.18
N VAL B 5 -17.41 13.93 -5.41
CA VAL B 5 -16.59 13.15 -6.31
CA VAL B 5 -16.61 13.14 -6.33
C VAL B 5 -16.29 13.97 -7.55
N GLY B 6 -15.05 13.92 -7.98
CA GLY B 6 -14.62 14.65 -9.17
C GLY B 6 -13.98 13.70 -10.18
N MET B 7 -14.27 13.92 -11.46
CA MET B 7 -13.81 13.00 -12.49
C MET B 7 -13.31 13.74 -13.71
N ILE B 8 -12.16 13.34 -14.21
CA ILE B 8 -11.67 13.85 -15.48
C ILE B 8 -11.40 12.64 -16.34
N GLU B 9 -12.01 12.61 -17.51
CA GLU B 9 -11.78 11.54 -18.46
C GLU B 9 -10.98 12.08 -19.62
N THR B 10 -9.88 11.41 -19.93
CA THR B 10 -9.05 11.82 -21.05
C THR B 10 -9.02 10.71 -22.10
N ARG B 11 -8.53 11.06 -23.28
CA ARG B 11 -8.13 10.05 -24.25
C ARG B 11 -6.59 10.06 -24.22
N GLY B 12 -6.01 8.96 -23.73
CA GLY B 12 -4.57 8.89 -23.56
C GLY B 12 -4.23 8.73 -22.09
N PHE B 13 -3.21 7.93 -21.80
CA PHE B 13 -2.81 7.66 -20.43
C PHE B 13 -1.95 8.78 -19.82
N PRO B 14 -0.91 9.24 -20.54
CA PRO B 14 -0.08 10.33 -20.00
C PRO B 14 -0.93 11.49 -19.51
N ALA B 15 -1.94 11.87 -20.27
CA ALA B 15 -2.78 13.00 -19.91
C ALA B 15 -3.57 12.72 -18.64
N VAL B 16 -4.01 11.47 -18.47
CA VAL B 16 -4.82 11.16 -17.31
C VAL B 16 -3.94 11.19 -16.07
N VAL B 17 -2.68 10.82 -16.25
CA VAL B 17 -1.76 10.82 -15.13
C VAL B 17 -1.47 12.27 -14.70
N GLU B 18 -1.36 13.16 -15.68
CA GLU B 18 -1.15 14.56 -15.39
C GLU B 18 -2.39 15.16 -14.73
N ALA B 19 -3.57 14.87 -15.29
CA ALA B 19 -4.81 15.28 -14.67
C ALA B 19 -4.80 14.92 -13.17
N ALA B 20 -4.50 13.67 -12.85
CA ALA B 20 -4.48 13.25 -11.45
C ALA B 20 -3.45 14.01 -10.60
N ASP B 21 -2.25 14.20 -11.15
CA ASP B 21 -1.21 14.92 -10.42
C ASP B 21 -1.65 16.33 -10.12
N ALA B 22 -2.16 17.01 -11.14
CA ALA B 22 -2.63 18.37 -10.99
C ALA B 22 -3.78 18.49 -9.97
N MET B 23 -4.68 17.49 -9.94
CA MET B 23 -5.83 17.51 -9.06
CA MET B 23 -5.83 17.50 -9.06
C MET B 23 -5.43 17.42 -7.59
N VAL B 24 -4.58 16.46 -7.25
CA VAL B 24 -4.16 16.24 -5.87
CA VAL B 24 -4.21 16.28 -5.86
C VAL B 24 -3.27 17.38 -5.36
N LYS B 25 -2.59 18.04 -6.29
CA LYS B 25 -1.72 19.15 -5.93
C LYS B 25 -2.46 20.48 -5.76
N ALA B 26 -3.58 20.64 -6.47
CA ALA B 26 -4.30 21.90 -6.48
C ALA B 26 -5.15 22.14 -5.23
N ALA B 27 -5.59 21.07 -4.59
CA ALA B 27 -6.49 21.20 -3.45
C ALA B 27 -6.51 19.93 -2.62
N ARG B 28 -7.25 19.95 -1.52
CA ARG B 28 -7.28 18.82 -0.59
C ARG B 28 -8.28 17.75 -1.05
N VAL B 29 -7.86 16.94 -2.03
CA VAL B 29 -8.64 15.83 -2.52
C VAL B 29 -7.78 14.58 -2.52
N THR B 30 -8.41 13.41 -2.43
CA THR B 30 -7.70 12.14 -2.51
C THR B 30 -8.03 11.49 -3.84
N LEU B 31 -7.01 11.16 -4.62
CA LEU B 31 -7.23 10.35 -5.81
C LEU B 31 -7.58 8.95 -5.31
N VAL B 32 -8.77 8.47 -5.64
CA VAL B 32 -9.22 7.18 -5.11
C VAL B 32 -9.13 6.08 -6.13
N GLY B 33 -9.09 6.45 -7.41
CA GLY B 33 -8.99 5.45 -8.43
C GLY B 33 -8.85 5.93 -9.86
N TYR B 34 -8.76 4.96 -10.74
CA TYR B 34 -8.72 5.25 -12.16
CA TYR B 34 -8.58 5.18 -12.16
C TYR B 34 -9.42 4.13 -12.91
N GLU B 35 -10.04 4.51 -14.02
CA GLU B 35 -10.95 3.62 -14.71
C GLU B 35 -10.72 3.61 -16.22
N LYS B 36 -10.55 2.42 -16.78
CA LYS B 36 -10.40 2.27 -18.21
C LYS B 36 -11.71 1.74 -18.79
N ILE B 37 -12.14 2.29 -19.91
CA ILE B 37 -13.38 1.82 -20.51
C ILE B 37 -13.26 1.50 -22.01
N GLY B 38 -12.05 1.63 -22.54
CA GLY B 38 -11.76 1.31 -23.94
C GLY B 38 -11.77 2.55 -24.82
N SER B 39 -11.44 2.38 -26.09
CA SER B 39 -11.40 3.52 -27.02
C SER B 39 -10.47 4.61 -26.54
N GLY B 40 -9.47 4.21 -25.75
CA GLY B 40 -8.51 5.15 -25.19
C GLY B 40 -9.04 6.06 -24.10
N ARG B 41 -10.20 5.73 -23.55
CA ARG B 41 -10.85 6.60 -22.58
C ARG B 41 -10.53 6.13 -21.18
N VAL B 42 -9.90 6.99 -20.40
N VAL B 42 -9.90 6.99 -20.40
CA VAL B 42 -9.56 6.67 -19.02
CA VAL B 42 -9.56 6.69 -19.02
C VAL B 42 -9.96 7.81 -18.09
C VAL B 42 -9.97 7.82 -18.09
N THR B 43 -10.45 7.46 -16.91
CA THR B 43 -10.93 8.44 -15.96
C THR B 43 -10.13 8.33 -14.67
N VAL B 44 -9.78 9.50 -14.12
CA VAL B 44 -9.24 9.58 -12.77
C VAL B 44 -10.28 10.17 -11.84
N ILE B 45 -10.42 9.57 -10.67
CA ILE B 45 -11.47 9.96 -9.73
CA ILE B 45 -11.47 9.95 -9.73
C ILE B 45 -10.89 10.43 -8.40
N VAL B 46 -11.32 11.61 -7.95
CA VAL B 46 -10.90 12.14 -6.65
C VAL B 46 -12.10 12.38 -5.73
N ARG B 47 -11.85 12.35 -4.42
CA ARG B 47 -12.86 12.67 -3.41
C ARG B 47 -12.37 13.81 -2.51
N GLY B 48 -13.30 14.58 -1.97
CA GLY B 48 -12.97 15.68 -1.07
C GLY B 48 -14.16 16.63 -0.96
N ASP B 49 -14.00 17.71 -0.21
CA ASP B 49 -15.03 18.73 -0.11
C ASP B 49 -15.35 19.29 -1.48
N VAL B 50 -16.60 19.61 -1.72
CA VAL B 50 -17.02 20.08 -3.02
C VAL B 50 -16.10 21.19 -3.54
N SER B 51 -15.79 22.16 -2.70
CA SER B 51 -14.95 23.29 -3.12
C SER B 51 -13.51 22.87 -3.46
N GLU B 52 -12.98 21.90 -2.71
CA GLU B 52 -11.67 21.34 -3.01
C GLU B 52 -11.72 20.63 -4.36
N VAL B 53 -12.77 19.83 -4.56
CA VAL B 53 -12.92 19.10 -5.80
C VAL B 53 -13.08 20.05 -6.98
N GLN B 54 -13.85 21.12 -6.81
CA GLN B 54 -13.99 22.11 -7.89
C GLN B 54 -12.63 22.69 -8.29
N ALA B 55 -11.85 23.07 -7.28
CA ALA B 55 -10.51 23.57 -7.51
C ALA B 55 -9.64 22.55 -8.24
N SER B 56 -9.68 21.29 -7.80
CA SER B 56 -8.84 20.23 -8.37
CA SER B 56 -8.83 20.26 -8.36
C SER B 56 -9.19 19.87 -9.80
N VAL B 57 -10.48 19.80 -10.09
CA VAL B 57 -10.91 19.47 -11.45
C VAL B 57 -10.52 20.58 -12.43
N ALA B 58 -10.71 21.84 -12.03
CA ALA B 58 -10.35 22.95 -12.90
C ALA B 58 -8.85 22.94 -13.22
N ALA B 59 -8.03 22.63 -12.22
CA ALA B 59 -6.59 22.54 -12.40
C ALA B 59 -6.22 21.32 -13.22
N GLY B 60 -6.88 20.20 -12.94
CA GLY B 60 -6.67 18.97 -13.67
C GLY B 60 -6.95 19.12 -15.15
N VAL B 61 -8.04 19.80 -15.48
CA VAL B 61 -8.39 20.06 -16.88
C VAL B 61 -7.33 20.93 -17.57
N ASP B 62 -6.98 22.05 -16.95
CA ASP B 62 -5.96 22.95 -17.49
C ASP B 62 -4.65 22.24 -17.74
N SER B 63 -4.22 21.43 -16.78
CA SER B 63 -2.93 20.76 -16.87
C SER B 63 -2.92 19.64 -17.91
N ALA B 64 -4.02 18.87 -17.96
CA ALA B 64 -4.15 17.81 -18.96
C ALA B 64 -4.12 18.32 -20.40
N LYS B 65 -4.72 19.49 -20.62
CA LYS B 65 -4.76 20.09 -21.96
C LYS B 65 -3.41 20.63 -22.39
N ARG B 66 -2.51 20.84 -21.44
CA ARG B 66 -1.17 21.29 -21.75
C ARG B 66 -0.28 20.13 -22.17
N VAL B 67 -0.72 18.91 -21.87
CA VAL B 67 0.04 17.71 -22.20
C VAL B 67 0.23 17.58 -23.70
N ASN B 68 1.43 17.20 -24.10
CA ASN B 68 1.71 16.91 -25.49
C ASN B 68 0.80 15.78 -25.97
N GLY B 69 -0.15 16.11 -26.83
CA GLY B 69 -1.10 15.13 -27.31
C GLY B 69 -2.19 14.83 -26.29
N GLY B 70 -2.29 15.68 -25.27
CA GLY B 70 -3.32 15.53 -24.27
C GLY B 70 -4.70 15.93 -24.76
N GLU B 71 -5.71 15.16 -24.39
CA GLU B 71 -7.08 15.47 -24.75
C GLU B 71 -8.03 15.14 -23.59
N VAL B 72 -8.88 16.08 -23.22
CA VAL B 72 -9.89 15.83 -22.21
C VAL B 72 -11.23 15.59 -22.90
N LEU B 73 -11.85 14.45 -22.58
CA LEU B 73 -13.10 14.06 -23.22
C LEU B 73 -14.33 14.53 -22.42
N SER B 74 -14.30 14.33 -21.12
CA SER B 74 -15.42 14.73 -20.28
C SER B 74 -14.97 14.90 -18.84
N THR B 75 -15.75 15.65 -18.08
CA THR B 75 -15.49 15.86 -16.67
C THR B 75 -16.83 16.01 -15.95
N HIS B 76 -16.85 15.71 -14.66
CA HIS B 76 -18.04 15.98 -13.87
C HIS B 76 -17.77 15.91 -12.38
N ILE B 77 -18.54 16.68 -11.62
CA ILE B 77 -18.46 16.71 -10.17
C ILE B 77 -19.83 16.43 -9.59
N ILE B 78 -19.90 15.54 -8.62
CA ILE B 78 -21.14 15.25 -7.94
C ILE B 78 -20.95 15.62 -6.49
N ALA B 79 -21.69 16.60 -6.00
CA ALA B 79 -21.44 17.17 -4.68
C ALA B 79 -21.69 16.21 -3.52
N ARG B 80 -22.78 15.45 -3.61
CA ARG B 80 -23.13 14.47 -2.59
C ARG B 80 -23.55 13.21 -3.31
N PRO B 81 -22.58 12.38 -3.73
CA PRO B 81 -22.90 11.14 -4.44
C PRO B 81 -23.70 10.23 -3.53
N HIS B 82 -24.75 9.63 -4.06
CA HIS B 82 -25.58 8.69 -3.30
C HIS B 82 -24.73 7.51 -2.83
N GLU B 83 -24.98 7.05 -1.60
CA GLU B 83 -24.19 5.98 -1.00
C GLU B 83 -24.21 4.70 -1.83
N ASN B 84 -25.32 4.46 -2.52
CA ASN B 84 -25.46 3.29 -3.39
C ASN B 84 -24.31 3.18 -4.40
N LEU B 85 -23.84 4.32 -4.89
CA LEU B 85 -22.80 4.34 -5.92
C LEU B 85 -21.50 3.75 -5.43
N GLU B 86 -21.18 4.03 -4.17
CA GLU B 86 -19.94 3.58 -3.56
C GLU B 86 -19.81 2.08 -3.69
N TYR B 87 -20.95 1.39 -3.75
CA TYR B 87 -21.00 -0.08 -3.76
C TYR B 87 -20.93 -0.70 -5.15
N VAL B 88 -21.13 0.11 -6.18
CA VAL B 88 -21.21 -0.42 -7.55
C VAL B 88 -20.10 0.13 -8.45
N LEU B 89 -19.92 1.44 -8.39
CA LEU B 89 -18.94 2.13 -9.24
C LEU B 89 -17.63 2.41 -8.49
N PRO B 90 -16.51 2.44 -9.22
CA PRO B 90 -15.18 2.59 -8.63
C PRO B 90 -14.84 4.00 -8.16
N ILE B 91 -15.68 4.59 -7.31
CA ILE B 91 -15.45 5.94 -6.80
C ILE B 91 -15.15 5.96 -5.31
N ARG B 92 -15.00 4.78 -4.71
CA ARG B 92 -14.78 4.65 -3.28
C ARG B 92 -13.29 4.70 -2.92
N TYR B 93 -13.00 5.20 -1.72
CA TYR B 93 -11.66 5.10 -1.16
C TYR B 93 -11.30 3.62 -1.10
N THR B 94 -10.17 3.24 -1.68
CA THR B 94 -9.77 1.84 -1.67
C THR B 94 -8.86 1.51 -0.49
N GLU B 95 -8.53 0.22 -0.37
CA GLU B 95 -7.66 -0.25 0.70
C GLU B 95 -6.30 0.42 0.61
N ALA B 96 -5.64 0.21 -0.51
CA ALA B 96 -4.35 0.83 -0.77
C ALA B 96 -4.41 2.32 -0.49
N VAL B 97 -5.49 2.96 -0.96
CA VAL B 97 -5.66 4.41 -0.81
C VAL B 97 -5.72 4.91 0.63
N GLU B 98 -6.53 4.28 1.47
CA GLU B 98 -6.65 4.77 2.85
C GLU B 98 -5.42 4.42 3.70
N GLN B 99 -4.56 3.54 3.20
CA GLN B 99 -3.29 3.27 3.86
C GLN B 99 -2.27 4.36 3.55
N PHE B 100 -2.39 4.98 2.38
CA PHE B 100 -1.59 6.15 2.03
C PHE B 100 -1.96 7.33 2.93
N ARG B 101 -3.26 7.52 3.17
CA ARG B 101 -3.71 8.56 4.09
C ARG B 101 -3.18 8.31 5.49
S SO4 C . 25.87 -5.85 9.90
O1 SO4 C . 24.93 -6.14 8.82
O2 SO4 C . 26.51 -4.56 9.68
O3 SO4 C . 25.15 -5.80 11.18
O4 SO4 C . 26.87 -6.92 9.93
#